data_6BLW
#
_entry.id   6BLW
#
_cell.length_a   63.552
_cell.length_b   95.572
_cell.length_c   83.340
_cell.angle_alpha   90.00
_cell.angle_beta   90.00
_cell.angle_gamma   90.00
#
_symmetry.space_group_name_H-M   'C 2 2 21'
#
loop_
_entity.id
_entity.type
_entity.pdbx_description
1 polymer 'Wilms tumor protein'
2 polymer "DNA (5'-D(P*GP*CP*GP*AP*AP*AP*TP*GP*GP*GP*AP*GP*GP*GP*TP*T)-3')"
3 polymer "DNA (5'-D(*TP*AP*AP*CP*CP*CP*TP*CP*CP*CP*AP*TP*TP*TP*CP*GP*C)-3')"
4 non-polymer 'ZINC ION'
5 non-polymer 1,2-ETHANEDIOL
6 non-polymer GLYCEROL
7 water water
#
loop_
_entity_poly.entity_id
_entity_poly.type
_entity_poly.pdbx_seq_one_letter_code
_entity_poly.pdbx_strand_id
1 'polypeptide(L)'
;HMEKRPFMCAYPGCNKRYFKLSHLQRHSRKHTGEKPYQCDFKDCERRFSRSDQLKRHQRRHTGVKPFQCKTCQRKFSRSD
HLKTHTRTHTGKTSEKPFSCRWPSCQKKFARSDELVRHHNMHQR
;
A
2 'polydeoxyribonucleotide' (DA)(DG)(DC)(DG)(DA)(DA)(DA)(DT)(DG)(DG)(DG)(DA)(DG)(DG)(DG)(DT)(DT)(DA) B
3 'polydeoxyribonucleotide' (DT)(DT)(DA)(DA)(DC)(DC)(DC)(DT)(DC)(DC)(DC)(DA)(DT)(DT)(DT)(DC)(DG)(DC) C
#
# COMPACT_ATOMS: atom_id res chain seq x y z
N HIS A 1 0.32 19.33 -15.54
CA HIS A 1 0.42 17.89 -15.76
C HIS A 1 1.05 17.59 -17.12
N MET A 2 2.35 17.34 -17.12
CA MET A 2 3.09 17.06 -18.34
C MET A 2 3.09 15.57 -18.64
N GLU A 3 3.30 15.25 -19.91
CA GLU A 3 3.38 13.87 -20.36
C GLU A 3 4.74 13.51 -20.95
N LYS A 4 5.70 14.43 -20.94
CA LYS A 4 7.02 14.19 -21.52
C LYS A 4 7.79 13.21 -20.65
N ARG A 5 8.05 12.02 -21.17
CA ARG A 5 8.79 10.98 -20.47
C ARG A 5 10.08 10.70 -21.21
N PRO A 6 11.21 11.29 -20.81
CA PRO A 6 12.44 11.15 -21.59
C PRO A 6 13.17 9.84 -21.41
N PHE A 7 12.83 9.04 -20.40
CA PHE A 7 13.53 7.80 -20.11
C PHE A 7 12.71 6.63 -20.65
N MET A 8 13.18 6.04 -21.74
CA MET A 8 12.50 4.94 -22.40
C MET A 8 13.21 3.62 -22.10
N CYS A 9 12.43 2.54 -22.07
CA CYS A 9 12.98 1.22 -21.80
C CYS A 9 13.60 0.65 -23.06
N ALA A 10 14.82 0.11 -22.93
CA ALA A 10 15.55 -0.45 -24.06
C ALA A 10 15.28 -1.93 -24.27
N TYR A 11 14.36 -2.52 -23.51
CA TYR A 11 14.03 -3.93 -23.71
C TYR A 11 13.36 -4.11 -25.07
N PRO A 12 13.72 -5.16 -25.81
CA PRO A 12 13.14 -5.35 -27.15
C PRO A 12 11.63 -5.55 -27.09
N GLY A 13 10.91 -4.69 -27.80
CA GLY A 13 9.47 -4.76 -27.85
C GLY A 13 8.74 -3.98 -26.77
N CYS A 14 9.46 -3.48 -25.77
CA CYS A 14 8.84 -2.73 -24.68
C CYS A 14 8.80 -1.25 -25.01
N ASN A 15 7.64 -0.63 -24.81
CA ASN A 15 7.44 0.79 -25.11
C ASN A 15 7.26 1.63 -23.86
N LYS A 16 7.71 1.14 -22.72
CA LYS A 16 7.54 1.88 -21.47
C LYS A 16 8.44 3.12 -21.46
N ARG A 17 7.86 4.23 -21.00
CA ARG A 17 8.59 5.48 -20.83
C ARG A 17 8.25 6.06 -19.46
N TYR A 18 9.21 6.78 -18.87
CA TYR A 18 9.05 7.26 -17.50
C TYR A 18 9.63 8.67 -17.39
N PHE A 19 9.15 9.39 -16.36
CA PHE A 19 9.60 10.75 -16.13
C PHE A 19 10.97 10.81 -15.47
N LYS A 20 11.34 9.80 -14.69
CA LYS A 20 12.58 9.81 -13.94
C LYS A 20 13.36 8.53 -14.20
N LEU A 21 14.68 8.64 -14.13
CA LEU A 21 15.54 7.47 -14.32
C LEU A 21 15.30 6.42 -13.25
N SER A 22 14.99 6.85 -12.03
CA SER A 22 14.71 5.90 -10.95
C SER A 22 13.48 5.07 -11.27
N HIS A 23 12.48 5.67 -11.91
CA HIS A 23 11.28 4.93 -12.30
C HIS A 23 11.60 3.89 -13.37
N LEU A 24 12.49 4.24 -14.31
CA LEU A 24 12.86 3.30 -15.36
C LEU A 24 13.69 2.16 -14.80
N GLN A 25 14.68 2.47 -13.96
CA GLN A 25 15.51 1.43 -13.35
C GLN A 25 14.66 0.50 -12.48
N ARG A 26 13.59 1.03 -11.87
CA ARG A 26 12.68 0.18 -11.11
C ARG A 26 11.86 -0.72 -12.02
N HIS A 27 11.52 -0.22 -13.23
CA HIS A 27 10.77 -1.04 -14.18
C HIS A 27 11.62 -2.15 -14.78
N SER A 28 12.92 -1.91 -14.93
CA SER A 28 13.79 -2.88 -15.59
C SER A 28 13.81 -4.23 -14.89
N ARG A 29 13.50 -4.27 -13.59
CA ARG A 29 13.47 -5.55 -12.88
C ARG A 29 12.28 -6.41 -13.29
N LYS A 30 11.30 -5.86 -13.99
CA LYS A 30 10.17 -6.67 -14.45
C LYS A 30 10.59 -7.61 -15.58
N HIS A 31 11.51 -7.18 -16.43
CA HIS A 31 11.96 -8.04 -17.52
C HIS A 31 12.87 -9.15 -17.03
N THR A 32 13.70 -8.87 -16.01
CA THR A 32 14.58 -9.90 -15.47
C THR A 32 13.82 -10.90 -14.62
N GLY A 33 12.60 -10.58 -14.22
CA GLY A 33 11.82 -11.47 -13.37
C GLY A 33 12.40 -11.72 -12.00
N GLU A 34 13.44 -11.00 -11.60
CA GLU A 34 14.05 -11.25 -10.31
C GLU A 34 13.24 -10.59 -9.20
N LYS A 35 12.92 -11.36 -8.17
CA LYS A 35 12.23 -10.88 -6.98
C LYS A 35 13.03 -11.34 -5.75
N PRO A 36 14.06 -10.59 -5.37
CA PRO A 36 14.95 -11.06 -4.29
C PRO A 36 14.43 -10.81 -2.89
N TYR A 37 13.47 -9.91 -2.71
CA TYR A 37 12.97 -9.57 -1.38
C TYR A 37 11.86 -10.56 -1.02
N GLN A 38 12.24 -11.59 -0.26
CA GLN A 38 11.31 -12.65 0.11
C GLN A 38 10.85 -12.47 1.56
N CYS A 39 9.57 -12.73 1.79
CA CYS A 39 9.00 -12.65 3.13
C CYS A 39 9.26 -13.96 3.87
N ASP A 40 9.96 -13.87 5.01
CA ASP A 40 10.34 -15.05 5.78
C ASP A 40 9.38 -15.34 6.92
N PHE A 41 8.15 -14.85 6.86
CA PHE A 41 7.14 -15.23 7.83
C PHE A 41 6.69 -16.67 7.57
N LYS A 42 6.14 -17.29 8.63
CA LYS A 42 5.77 -18.69 8.56
C LYS A 42 4.65 -18.91 7.55
N ASP A 43 4.84 -19.91 6.67
CA ASP A 43 3.83 -20.33 5.69
C ASP A 43 3.42 -19.19 4.76
N CYS A 44 4.39 -18.35 4.39
CA CYS A 44 4.14 -17.27 3.43
C CYS A 44 4.97 -17.45 2.18
N GLU A 45 6.29 -17.26 2.25
CA GLU A 45 7.22 -17.48 1.14
C GLU A 45 6.92 -16.57 -0.06
N ARG A 46 6.24 -15.45 0.17
CA ARG A 46 6.01 -14.50 -0.91
C ARG A 46 7.25 -13.62 -1.10
N ARG A 47 7.43 -13.15 -2.33
CA ARG A 47 8.59 -12.33 -2.66
C ARG A 47 8.19 -11.23 -3.62
N PHE A 48 8.99 -10.17 -3.65
CA PHE A 48 8.68 -8.97 -4.40
C PHE A 48 9.95 -8.46 -5.08
N SER A 49 9.75 -7.62 -6.09
CA SER A 49 10.87 -7.03 -6.82
C SER A 49 11.45 -5.81 -6.12
N ARG A 50 10.71 -5.22 -5.18
CA ARG A 50 11.12 -3.98 -4.52
C ARG A 50 11.06 -4.15 -3.02
N SER A 51 11.96 -3.44 -2.31
CA SER A 51 12.01 -3.53 -0.86
C SER A 51 10.77 -2.90 -0.22
N ASP A 52 10.29 -1.78 -0.80
CA ASP A 52 9.12 -1.12 -0.22
C ASP A 52 7.86 -1.97 -0.41
N GLN A 53 7.82 -2.79 -1.46
CA GLN A 53 6.71 -3.71 -1.62
C GLN A 53 6.72 -4.78 -0.54
N LEU A 54 7.91 -5.24 -0.13
CA LEU A 54 8.00 -6.23 0.93
C LEU A 54 7.60 -5.64 2.27
N LYS A 55 8.01 -4.40 2.55
CA LYS A 55 7.66 -3.78 3.83
C LYS A 55 6.16 -3.49 3.91
N ARG A 56 5.55 -3.08 2.80
CA ARG A 56 4.10 -2.90 2.79
C ARG A 56 3.38 -4.23 3.05
N HIS A 57 3.89 -5.31 2.46
CA HIS A 57 3.28 -6.61 2.66
C HIS A 57 3.43 -7.10 4.11
N GLN A 58 4.63 -6.95 4.68
CA GLN A 58 4.89 -7.52 6.00
C GLN A 58 4.13 -6.82 7.12
N ARG A 59 3.45 -5.71 6.85
CA ARG A 59 2.61 -5.10 7.86
C ARG A 59 1.37 -5.94 8.17
N ARG A 60 0.94 -6.80 7.23
CA ARG A 60 -0.15 -7.71 7.52
C ARG A 60 0.27 -8.81 8.50
N HIS A 61 1.57 -9.08 8.60
CA HIS A 61 2.08 -10.03 9.60
C HIS A 61 2.35 -9.36 10.94
N THR A 62 2.89 -8.13 10.91
CA THR A 62 3.28 -7.45 12.14
C THR A 62 2.14 -6.71 12.80
N GLY A 63 1.04 -6.47 12.09
CA GLY A 63 -0.08 -5.75 12.66
C GLY A 63 0.16 -4.27 12.85
N VAL A 64 1.14 -3.70 12.16
CA VAL A 64 1.42 -2.27 12.25
C VAL A 64 0.38 -1.52 11.44
N LYS A 65 -0.35 -0.62 12.10
CA LYS A 65 -1.41 0.17 11.47
C LYS A 65 -1.24 1.62 11.89
N PRO A 66 -0.37 2.37 11.20
CA PRO A 66 -0.09 3.75 11.64
C PRO A 66 -1.20 4.74 11.29
N PHE A 67 -2.11 4.41 10.40
CA PHE A 67 -3.15 5.32 9.94
C PHE A 67 -4.44 5.04 10.69
N GLN A 68 -4.98 6.07 11.36
CA GLN A 68 -6.17 5.92 12.18
C GLN A 68 -7.25 6.89 11.73
N CYS A 69 -8.47 6.38 11.62
CA CYS A 69 -9.60 7.21 11.21
C CYS A 69 -9.93 8.22 12.31
N LYS A 70 -10.05 9.50 11.93
CA LYS A 70 -10.37 10.54 12.90
C LYS A 70 -11.82 10.50 13.35
N THR A 71 -12.66 9.67 12.72
CA THR A 71 -14.08 9.59 13.06
C THR A 71 -14.40 8.41 13.97
N CYS A 72 -13.91 7.22 13.65
CA CYS A 72 -14.23 6.02 14.41
C CYS A 72 -13.00 5.35 15.02
N GLN A 73 -11.81 5.93 14.86
CA GLN A 73 -10.56 5.45 15.47
C GLN A 73 -10.15 4.07 14.95
N ARG A 74 -10.68 3.63 13.82
CA ARG A 74 -10.22 2.39 13.22
C ARG A 74 -8.86 2.61 12.56
N LYS A 75 -7.98 1.62 12.68
CA LYS A 75 -6.60 1.72 12.22
C LYS A 75 -6.41 0.96 10.92
N PHE A 76 -5.45 1.43 10.12
CA PHE A 76 -5.12 0.81 8.84
C PHE A 76 -3.62 0.89 8.60
N SER A 77 -3.11 -0.07 7.85
CA SER A 77 -1.67 -0.15 7.57
C SER A 77 -1.25 0.70 6.36
N ARG A 78 -2.20 1.24 5.61
CA ARG A 78 -1.89 1.99 4.40
C ARG A 78 -2.72 3.26 4.37
N SER A 79 -2.15 4.31 3.76
CA SER A 79 -2.85 5.58 3.67
C SER A 79 -4.05 5.49 2.75
N ASP A 80 -3.93 4.74 1.65
CA ASP A 80 -5.04 4.63 0.72
C ASP A 80 -6.16 3.76 1.28
N HIS A 81 -5.83 2.81 2.16
CA HIS A 81 -6.87 2.06 2.85
C HIS A 81 -7.66 2.95 3.79
N LEU A 82 -6.99 3.90 4.45
CA LEU A 82 -7.68 4.82 5.34
C LEU A 82 -8.59 5.76 4.57
N LYS A 83 -8.10 6.32 3.47
CA LYS A 83 -8.90 7.26 2.68
C LYS A 83 -10.15 6.58 2.13
N THR A 84 -10.04 5.33 1.69
CA THR A 84 -11.20 4.61 1.19
C THR A 84 -12.21 4.35 2.31
N HIS A 85 -11.71 4.05 3.52
CA HIS A 85 -12.61 3.78 4.63
C HIS A 85 -13.41 5.02 5.03
N THR A 86 -12.80 6.20 4.93
CA THR A 86 -13.48 7.43 5.34
C THR A 86 -14.70 7.73 4.48
N ARG A 87 -14.82 7.12 3.31
CA ARG A 87 -16.00 7.30 2.48
C ARG A 87 -17.23 6.65 3.08
N THR A 88 -17.05 5.70 4.00
CA THR A 88 -18.19 5.07 4.66
C THR A 88 -18.92 6.05 5.58
N HIS A 89 -18.21 7.07 6.08
CA HIS A 89 -18.82 8.07 6.93
C HIS A 89 -19.44 9.23 6.16
N THR A 90 -18.99 9.46 4.93
CA THR A 90 -19.53 10.56 4.13
C THR A 90 -21.00 10.32 3.79
N GLY A 91 -21.32 9.11 3.33
CA GLY A 91 -22.72 8.81 3.05
C GLY A 91 -23.52 8.63 4.32
N LYS A 92 -23.04 7.80 5.24
CA LYS A 92 -23.71 7.56 6.51
C LYS A 92 -23.36 8.65 7.52
N SER A 99 -24.40 7.91 18.41
CA SER A 99 -23.13 8.58 18.65
C SER A 99 -21.95 7.72 18.19
N CYS A 100 -22.05 6.41 18.44
CA CYS A 100 -21.02 5.48 18.01
C CYS A 100 -20.96 5.43 16.49
N ARG A 101 -19.77 5.60 15.93
CA ARG A 101 -19.59 5.64 14.48
C ARG A 101 -19.21 4.27 13.91
N TRP A 102 -19.28 3.20 14.72
CA TRP A 102 -19.04 1.85 14.25
C TRP A 102 -20.37 1.18 13.86
N PRO A 103 -20.34 0.26 12.90
CA PRO A 103 -21.59 -0.36 12.45
C PRO A 103 -22.27 -1.17 13.55
N SER A 104 -23.56 -0.89 13.76
CA SER A 104 -24.41 -1.58 14.74
C SER A 104 -23.86 -1.42 16.15
N CYS A 105 -23.95 -0.19 16.64
CA CYS A 105 -23.62 0.14 18.02
C CYS A 105 -24.13 1.53 18.32
N GLN A 106 -24.68 1.71 19.52
CA GLN A 106 -25.20 3.00 19.94
C GLN A 106 -24.19 3.75 20.79
N LEU A 115 -17.06 9.51 23.25
CA LEU A 115 -17.17 8.44 22.28
C LEU A 115 -15.82 7.81 22.00
N VAL A 116 -14.76 8.43 22.54
CA VAL A 116 -13.41 7.93 22.28
C VAL A 116 -13.19 6.59 22.97
N ARG A 117 -13.75 6.42 24.17
CA ARG A 117 -13.57 5.17 24.90
C ARG A 117 -14.22 4.02 24.15
N HIS A 118 -15.45 4.21 23.70
CA HIS A 118 -16.16 3.18 22.93
C HIS A 118 -15.43 2.87 21.64
N HIS A 119 -14.98 3.90 20.93
CA HIS A 119 -14.27 3.69 19.66
C HIS A 119 -12.98 2.92 19.87
N ASN A 120 -12.22 3.27 20.92
CA ASN A 120 -10.95 2.59 21.18
C ASN A 120 -11.17 1.14 21.58
N MET A 121 -12.28 0.83 22.24
CA MET A 121 -12.53 -0.55 22.66
C MET A 121 -12.90 -1.46 21.50
N HIS A 122 -13.34 -0.90 20.37
CA HIS A 122 -13.71 -1.72 19.22
C HIS A 122 -12.52 -2.39 18.56
N GLN A 123 -11.30 -2.05 18.95
CA GLN A 123 -10.12 -2.66 18.36
C GLN A 123 -9.11 -3.07 19.43
#